data_4WAE
#
_entry.id   4WAE
#
_cell.length_a   108.327
_cell.length_b   108.327
_cell.length_c   55.189
_cell.angle_alpha   90.00
_cell.angle_beta   90.00
_cell.angle_gamma   90.00
#
_symmetry.space_group_name_H-M   'P 43'
#
loop_
_entity.id
_entity.type
_entity.pdbx_description
1 polymer 'Phosphatidylinositol 4-kinase beta,Phosphatidylinositol 4-kinase beta'
2 non-polymer "ADENOSINE-5'-TRIPHOSPHATE"
#
_entity_poly.entity_id   1
_entity_poly.type   'polypeptide(L)'
_entity_poly.pdbx_seq_one_letter_code
;SWLLRLFESKLFDISMAISYLYNSKEPGVQAYIGNRLFCFRNEDVDFYLPQLLNMYIHMDEDVGDAIKPYIVHRCRQSIN
FSLQCALLLGAYSSDMHISTQRHSRGTKLRKLILSDELKPAHRKRELPSLSPAPDTGLSPSKRTHQRSKSDATASISLSS
NLKRTASNPKVENEDEELSSSTESIDNSFSSPVRLAPEREFIKSLMAIGKRLATLPTKEQKTQRLISELSLLNHKLPARV
WLPTAGFDHHVVRVPHTQAVVLNSKDKAPYLIYVEVLECENFDTTSVPARIPENRRDPEDPSAVALKEPWQEKVRRIREG
SPYGHLPNWRLLSVIVKCGDDLRQELLAFQVLKQLQSIWEQERVPLWIKPYKILVISADSGMIEPVVNAVSIHQVKKQSQ
LSLLDYFLQEHGSYTTEAFLSAQRNFVQSCAGYCLVCYLLQVKDRHNGNILLDAEGHIIHIDFGFILSSSPRNLGFETSA
FKLTTEFVDVMGGLDGDMFNYYKMLMLQGLIAARKHMDKVVQIVEIMQQGSQLPCFHGSSTIRNLKERFHMSMTEEQLQL
LVEQMVDGSMRS
;
_entity_poly.pdbx_strand_id   A
#
loop_
_chem_comp.id
_chem_comp.type
_chem_comp.name
_chem_comp.formula
ATP non-polymer ADENOSINE-5'-TRIPHOSPHATE 'C10 H16 N5 O13 P3'
#
# COMPACT_ATOMS: atom_id res chain seq x y z
N LEU A 3 17.65 -0.04 24.17
CA LEU A 3 18.72 -0.67 23.39
C LEU A 3 20.19 -0.37 23.86
N LEU A 4 20.33 -0.19 25.17
CA LEU A 4 21.51 -0.62 25.96
C LEU A 4 22.95 -0.19 25.58
N ARG A 5 23.12 0.87 24.79
CA ARG A 5 24.37 1.01 24.03
C ARG A 5 24.55 -0.38 23.44
N LEU A 6 25.73 -0.96 23.68
CA LEU A 6 25.96 -2.41 23.51
C LEU A 6 25.31 -2.99 22.23
N PHE A 7 25.35 -2.17 21.18
CA PHE A 7 25.39 -2.58 19.79
C PHE A 7 26.84 -2.50 19.33
N GLU A 8 27.72 -2.37 20.29
CA GLU A 8 29.10 -2.31 19.99
C GLU A 8 29.48 -3.64 19.31
N SER A 9 28.61 -4.63 19.40
CA SER A 9 28.63 -5.82 18.57
C SER A 9 27.95 -5.69 17.20
N LYS A 10 28.75 -5.48 16.15
CA LYS A 10 28.43 -5.65 14.73
C LYS A 10 27.82 -4.45 14.00
N LEU A 11 27.86 -4.49 12.66
CA LEU A 11 26.87 -4.81 11.62
C LEU A 11 25.47 -4.12 11.54
N PHE A 12 25.43 -2.81 11.42
CA PHE A 12 24.18 -2.10 11.37
C PHE A 12 23.46 -2.45 10.13
N ASP A 13 22.17 -2.31 10.22
CA ASP A 13 21.16 -2.42 9.16
C ASP A 13 20.19 -1.26 9.39
N ILE A 14 19.55 -0.74 8.33
CA ILE A 14 18.66 0.45 8.49
C ILE A 14 17.62 0.26 9.60
N SER A 15 16.95 -0.88 9.60
CA SER A 15 15.93 -1.10 10.60
C SER A 15 16.46 -1.17 12.03
N MET A 16 17.70 -1.60 12.23
CA MET A 16 18.29 -1.65 13.59
C MET A 16 18.59 -0.25 14.08
N ALA A 17 19.03 0.57 13.12
CA ALA A 17 19.25 2.00 13.30
C ALA A 17 17.95 2.65 13.77
N ILE A 18 16.90 2.49 12.97
CA ILE A 18 15.59 3.01 13.30
C ILE A 18 15.29 2.54 14.71
N SER A 19 15.70 1.30 14.99
CA SER A 19 15.44 0.65 16.28
C SER A 19 16.14 1.32 17.44
N TYR A 20 17.46 1.51 17.34
CA TYR A 20 18.19 2.22 18.39
C TYR A 20 17.66 3.61 18.53
N LEU A 21 17.37 4.23 17.40
CA LEU A 21 16.96 5.61 17.44
C LEU A 21 15.68 5.81 18.23
N TYR A 22 14.71 4.92 17.99
CA TYR A 22 13.47 4.95 18.73
C TYR A 22 13.66 4.52 20.17
N ASN A 23 14.45 3.48 20.38
CA ASN A 23 14.56 2.87 21.70
C ASN A 23 15.55 3.35 22.76
N SER A 24 16.75 3.76 22.39
CA SER A 24 17.75 3.99 23.44
C SER A 24 17.46 5.22 24.25
N LYS A 25 17.63 5.06 25.55
CA LYS A 25 17.48 6.13 26.50
C LYS A 25 18.86 6.77 26.77
N GLU A 26 19.92 6.21 26.19
CA GLU A 26 21.28 6.74 26.35
C GLU A 26 21.49 8.09 25.65
N PRO A 27 22.23 9.00 26.31
CA PRO A 27 22.40 10.40 25.88
C PRO A 27 23.06 10.66 24.53
N GLY A 28 24.12 9.96 24.20
CA GLY A 28 24.84 10.32 23.00
C GLY A 28 24.42 9.59 21.74
N VAL A 29 23.61 8.53 21.91
CA VAL A 29 23.42 7.58 20.81
C VAL A 29 22.46 8.09 19.76
N GLN A 30 21.41 8.78 20.18
CA GLN A 30 20.44 9.27 19.21
C GLN A 30 21.02 10.17 18.13
N ALA A 31 21.77 11.19 18.53
CA ALA A 31 22.54 11.99 17.58
C ALA A 31 23.37 11.07 16.71
N TYR A 32 23.89 10.03 17.33
CA TYR A 32 24.83 9.16 16.64
C TYR A 32 24.11 8.49 15.48
N ILE A 33 23.02 7.79 15.78
CA ILE A 33 22.27 7.17 14.71
C ILE A 33 21.86 8.21 13.65
N GLY A 34 21.38 9.36 14.11
CA GLY A 34 21.06 10.43 13.19
C GLY A 34 22.22 10.66 12.24
N ASN A 35 23.44 10.45 12.73
CA ASN A 35 24.64 10.66 11.93
C ASN A 35 25.03 9.55 10.99
N ARG A 36 24.57 8.33 11.30
CA ARG A 36 24.85 7.17 10.49
C ARG A 36 23.81 7.00 9.41
N LEU A 37 22.70 7.73 9.56
CA LEU A 37 21.64 7.71 8.56
C LEU A 37 22.22 8.13 7.22
N PHE A 38 23.21 9.01 7.28
CA PHE A 38 23.84 9.50 6.08
C PHE A 38 24.59 8.42 5.36
N CYS A 39 24.93 7.35 6.07
CA CYS A 39 25.73 6.26 5.53
C CYS A 39 24.91 5.24 4.77
N PHE A 40 23.61 5.49 4.67
CA PHE A 40 22.68 4.51 4.10
C PHE A 40 22.16 4.87 2.70
N ARG A 41 21.86 3.85 1.90
CA ARG A 41 21.23 4.01 0.57
C ARG A 41 19.92 4.77 0.68
N ASN A 42 19.77 5.87 -0.05
CA ASN A 42 18.56 6.69 0.11
C ASN A 42 17.26 5.95 -0.17
N GLU A 43 17.35 4.93 -1.02
CA GLU A 43 16.20 4.11 -1.33
C GLU A 43 15.74 3.35 -0.08
N ASP A 44 16.70 2.93 0.74
CA ASP A 44 16.39 2.11 1.91
C ASP A 44 15.82 2.90 3.06
N VAL A 45 16.28 4.14 3.20
CA VAL A 45 15.84 4.95 4.32
C VAL A 45 14.42 5.42 4.04
N ASP A 46 14.18 5.78 2.78
CA ASP A 46 12.91 6.40 2.37
C ASP A 46 11.68 5.59 2.78
N PHE A 47 11.80 4.27 2.71
CA PHE A 47 10.70 3.39 3.13
C PHE A 47 10.26 3.72 4.54
N TYR A 48 11.19 4.23 5.33
CA TYR A 48 10.95 4.50 6.72
C TYR A 48 10.54 5.94 6.97
N LEU A 49 10.21 6.67 5.91
CA LEU A 49 9.92 8.08 6.10
C LEU A 49 8.89 8.42 7.18
N PRO A 50 7.73 7.73 7.18
CA PRO A 50 6.64 8.00 8.12
C PRO A 50 7.01 7.71 9.57
N GLN A 51 7.91 6.75 9.79
CA GLN A 51 8.43 6.50 11.14
C GLN A 51 9.37 7.63 11.57
N LEU A 52 10.15 8.14 10.62
CA LEU A 52 11.11 9.19 10.93
C LEU A 52 10.40 10.48 11.34
N LEU A 53 9.38 10.88 10.57
CA LEU A 53 8.62 12.11 10.90
C LEU A 53 7.64 11.97 12.04
N ASN A 54 7.18 10.75 12.29
CA ASN A 54 6.37 10.49 13.48
C ASN A 54 7.25 10.65 14.70
N MET A 55 8.37 9.94 14.75
CA MET A 55 9.30 10.12 15.88
C MET A 55 9.68 11.58 16.03
N TYR A 56 9.85 12.26 14.90
CA TYR A 56 10.16 13.66 14.90
C TYR A 56 9.08 14.41 15.68
N ILE A 57 7.85 14.30 15.19
CA ILE A 57 6.72 15.03 15.69
C ILE A 57 6.46 14.80 17.16
N HIS A 58 6.24 13.55 17.54
CA HIS A 58 5.80 13.26 18.89
C HIS A 58 6.88 12.91 19.93
N MET A 59 8.16 13.02 19.57
CA MET A 59 9.23 12.61 20.49
C MET A 59 10.16 13.71 20.99
N ASP A 60 11.21 13.29 21.69
CA ASP A 60 12.11 14.17 22.39
C ASP A 60 12.78 15.10 21.41
N GLU A 61 13.25 16.22 21.92
CA GLU A 61 14.04 17.16 21.13
C GLU A 61 15.34 16.50 20.78
N ASP A 62 15.78 15.60 21.65
CA ASP A 62 17.00 14.90 21.40
C ASP A 62 16.78 14.10 20.14
N VAL A 63 15.59 13.50 20.03
CA VAL A 63 15.29 12.64 18.91
C VAL A 63 15.04 13.43 17.64
N GLY A 64 14.24 14.47 17.74
CA GLY A 64 13.98 15.31 16.60
C GLY A 64 15.22 16.04 16.11
N ASP A 65 16.08 16.49 17.02
CA ASP A 65 17.29 17.18 16.59
C ASP A 65 18.21 16.19 15.88
N ALA A 66 18.14 14.93 16.30
CA ALA A 66 18.90 13.85 15.66
C ALA A 66 18.54 13.62 14.17
N ILE A 67 17.28 13.27 13.90
CA ILE A 67 16.71 13.12 12.54
C ILE A 67 16.75 14.40 11.69
N LYS A 68 16.84 15.54 12.36
CA LYS A 68 16.65 16.82 11.73
C LYS A 68 17.54 16.96 10.47
N PRO A 69 18.86 16.89 10.64
CA PRO A 69 19.85 17.09 9.58
C PRO A 69 19.79 16.10 8.43
N TYR A 70 19.29 14.90 8.67
CA TYR A 70 19.20 13.98 7.55
C TYR A 70 18.18 14.56 6.58
N ILE A 71 17.05 14.99 7.11
CA ILE A 71 15.93 15.27 6.23
C ILE A 71 16.18 16.50 5.41
N VAL A 72 16.86 17.47 6.02
CA VAL A 72 17.21 18.72 5.37
C VAL A 72 18.16 18.47 4.20
N HIS A 73 19.05 17.51 4.41
CA HIS A 73 20.02 17.13 3.41
C HIS A 73 19.28 16.49 2.28
N ARG A 74 18.27 15.71 2.62
CA ARG A 74 17.50 14.99 1.61
C ARG A 74 16.43 15.87 0.92
N CYS A 75 15.86 16.82 1.66
CA CYS A 75 14.90 17.75 1.09
C CYS A 75 15.59 18.56 0.03
N ARG A 76 16.81 18.99 0.36
CA ARG A 76 17.56 19.85 -0.53
C ARG A 76 17.83 19.11 -1.82
N GLN A 77 18.19 17.84 -1.71
CA GLN A 77 18.53 17.06 -2.90
C GLN A 77 17.31 16.51 -3.66
N SER A 78 16.23 16.17 -2.96
CA SER A 78 15.10 15.55 -3.65
C SER A 78 13.81 16.31 -3.45
N ILE A 79 13.32 16.93 -4.52
CA ILE A 79 12.08 17.67 -4.42
C ILE A 79 10.94 16.74 -4.05
N ASN A 80 10.81 15.63 -4.75
CA ASN A 80 9.79 14.68 -4.34
C ASN A 80 9.88 14.42 -2.83
N PHE A 81 11.10 14.31 -2.30
CA PHE A 81 11.30 14.03 -0.89
C PHE A 81 10.61 15.10 -0.04
N SER A 82 10.84 16.37 -0.40
CA SER A 82 10.24 17.49 0.30
C SER A 82 8.73 17.46 0.31
N LEU A 83 8.13 17.07 -0.80
CA LEU A 83 6.70 16.90 -0.81
C LEU A 83 6.40 15.96 0.32
N GLN A 84 7.02 14.80 0.29
CA GLN A 84 6.69 13.76 1.25
C GLN A 84 6.70 14.27 2.67
N CYS A 85 7.80 14.91 3.06
CA CYS A 85 7.96 15.41 4.43
C CYS A 85 6.89 16.40 4.83
N ALA A 86 6.66 17.36 3.95
CA ALA A 86 5.57 18.32 4.06
C ALA A 86 4.26 17.61 4.42
N LEU A 87 3.77 16.75 3.51
CA LEU A 87 2.50 16.08 3.69
C LEU A 87 2.43 15.32 5.01
N LEU A 88 3.49 14.56 5.29
CA LEU A 88 3.56 13.72 6.49
C LEU A 88 3.45 14.54 7.75
N LEU A 89 4.08 15.70 7.74
CA LEU A 89 4.04 16.60 8.87
C LEU A 89 2.62 17.08 9.08
N GLY A 90 1.85 17.15 8.01
CA GLY A 90 0.49 17.63 8.11
C GLY A 90 -0.36 16.59 8.81
N ALA A 91 -0.23 15.35 8.34
CA ALA A 91 -1.16 14.29 8.66
C ALA A 91 -0.92 13.69 10.03
N TYR A 92 0.36 13.56 10.42
CA TYR A 92 0.70 12.75 11.59
C TYR A 92 0.72 13.53 12.89
N SER A 93 0.39 14.82 12.77
CA SER A 93 0.28 15.69 13.92
C SER A 93 -1.18 16.07 14.14
N SER A 94 -1.79 15.51 15.17
CA SER A 94 -3.04 16.02 15.70
C SER A 94 -2.97 15.79 17.20
N ASP A 95 -3.23 16.83 17.98
CA ASP A 95 -2.97 16.75 19.40
C ASP A 95 -1.45 16.80 19.67
N MET A 96 -0.67 16.85 18.59
CA MET A 96 0.73 17.30 18.69
C MET A 96 1.33 17.85 17.38
N ASN A 187 13.54 25.53 -13.62
CA ASN A 187 14.01 25.36 -12.23
C ASN A 187 13.82 26.53 -11.25
N SER A 188 12.75 26.43 -10.46
CA SER A 188 12.65 27.14 -9.21
C SER A 188 12.62 26.02 -8.18
N PHE A 189 13.74 25.81 -7.48
CA PHE A 189 13.94 24.70 -6.51
C PHE A 189 14.79 25.19 -5.28
N SER A 190 14.31 24.92 -4.06
CA SER A 190 14.80 25.57 -2.80
C SER A 190 14.50 27.09 -2.67
N SER A 191 13.43 27.49 -3.37
CA SER A 191 12.77 28.80 -3.31
C SER A 191 11.38 28.45 -2.84
N PRO A 192 10.63 29.45 -2.35
CA PRO A 192 9.38 29.24 -1.61
C PRO A 192 8.28 28.67 -2.50
N VAL A 193 8.40 28.91 -3.81
CA VAL A 193 7.39 28.50 -4.81
C VAL A 193 7.70 27.11 -5.36
N ARG A 194 8.71 26.46 -4.79
CA ARG A 194 9.22 25.18 -5.28
C ARG A 194 8.16 24.08 -5.44
N LEU A 195 7.33 23.95 -4.40
CA LEU A 195 6.24 22.99 -4.40
C LEU A 195 4.87 23.60 -4.70
N ALA A 196 4.84 24.90 -4.98
CA ALA A 196 3.59 25.61 -5.29
C ALA A 196 2.73 24.94 -6.37
N PRO A 197 3.28 24.73 -7.59
CA PRO A 197 2.48 24.10 -8.66
C PRO A 197 1.85 22.81 -8.19
N GLU A 198 2.69 21.97 -7.60
CA GLU A 198 2.29 20.65 -7.13
C GLU A 198 1.15 20.76 -6.16
N ARG A 199 1.34 21.57 -5.13
CA ARG A 199 0.28 21.81 -4.16
C ARG A 199 -1.06 22.09 -4.87
N GLU A 200 -1.06 22.95 -5.88
CA GLU A 200 -2.32 23.36 -6.50
C GLU A 200 -2.93 22.18 -7.24
N PHE A 201 -2.05 21.36 -7.80
CA PHE A 201 -2.44 20.18 -8.53
C PHE A 201 -3.15 19.17 -7.64
N ILE A 202 -2.55 18.91 -6.48
CA ILE A 202 -3.21 18.08 -5.48
C ILE A 202 -4.44 18.79 -4.96
N LYS A 203 -4.30 20.07 -4.62
CA LYS A 203 -5.44 20.80 -4.07
C LYS A 203 -6.57 20.67 -5.05
N SER A 204 -6.19 20.80 -6.32
CA SER A 204 -7.13 20.67 -7.42
C SER A 204 -7.90 19.36 -7.31
N LEU A 205 -7.23 18.25 -7.56
CA LEU A 205 -7.88 16.94 -7.56
C LEU A 205 -8.78 16.72 -6.35
N MET A 206 -8.30 17.11 -5.18
CA MET A 206 -9.04 16.99 -3.93
C MET A 206 -10.33 17.82 -3.89
N ALA A 207 -10.28 19.02 -4.48
CA ALA A 207 -11.45 19.89 -4.59
C ALA A 207 -12.48 19.32 -5.55
N ILE A 208 -12.00 18.84 -6.70
CA ILE A 208 -12.81 18.06 -7.62
C ILE A 208 -13.59 16.97 -6.88
N GLY A 209 -12.89 16.23 -6.03
CA GLY A 209 -13.51 15.17 -5.28
C GLY A 209 -14.58 15.66 -4.31
N LYS A 210 -14.35 16.80 -3.69
CA LYS A 210 -15.27 17.28 -2.64
C LYS A 210 -16.57 17.75 -3.27
N ARG A 211 -16.47 18.35 -4.44
CA ARG A 211 -17.62 18.88 -5.19
C ARG A 211 -18.65 17.82 -5.61
N LEU A 212 -18.34 16.55 -5.38
CA LEU A 212 -19.18 15.47 -5.87
C LEU A 212 -20.25 15.04 -4.86
N ALA A 213 -20.33 15.77 -3.74
CA ALA A 213 -21.26 15.40 -2.66
C ALA A 213 -22.75 15.70 -2.92
N THR A 214 -23.02 16.74 -3.70
CA THR A 214 -24.39 17.12 -4.03
C THR A 214 -25.09 16.08 -4.91
N LEU A 215 -24.38 15.56 -5.92
CA LEU A 215 -24.95 14.60 -6.86
C LEU A 215 -25.01 13.19 -6.25
N PRO A 216 -26.24 12.71 -5.97
CA PRO A 216 -26.54 11.48 -5.23
C PRO A 216 -26.09 10.21 -5.91
N THR A 217 -26.20 10.12 -7.23
CA THR A 217 -25.91 8.88 -7.94
C THR A 217 -24.59 8.87 -8.72
N LYS A 218 -23.94 7.72 -8.77
CA LYS A 218 -22.60 7.58 -9.36
C LYS A 218 -22.45 8.18 -10.76
N GLU A 219 -23.33 7.81 -11.68
CA GLU A 219 -23.18 8.24 -13.07
C GLU A 219 -23.17 9.77 -13.20
N GLN A 220 -23.83 10.45 -12.27
CA GLN A 220 -23.92 11.91 -12.28
C GLN A 220 -22.58 12.52 -11.94
N LYS A 221 -21.96 11.97 -10.90
CA LYS A 221 -20.61 12.36 -10.51
C LYS A 221 -19.66 12.19 -11.69
N THR A 222 -19.66 11.02 -12.30
CA THR A 222 -18.70 10.76 -13.36
C THR A 222 -18.83 11.82 -14.44
N GLN A 223 -20.02 11.98 -15.00
CA GLN A 223 -20.17 12.89 -16.13
C GLN A 223 -19.69 14.28 -15.74
N ARG A 224 -19.94 14.65 -14.48
CA ARG A 224 -19.50 15.94 -13.94
C ARG A 224 -18.02 15.93 -13.59
N LEU A 225 -17.52 14.77 -13.15
CA LEU A 225 -16.11 14.64 -12.87
C LEU A 225 -15.28 14.86 -14.12
N ILE A 226 -15.73 14.29 -15.24
CA ILE A 226 -14.98 14.53 -16.46
C ILE A 226 -15.15 16.00 -16.86
N SER A 227 -16.33 16.55 -16.59
CA SER A 227 -16.61 17.94 -16.94
C SER A 227 -15.67 18.90 -16.21
N GLU A 228 -15.36 18.58 -14.95
CA GLU A 228 -14.50 19.40 -14.09
C GLU A 228 -13.05 19.19 -14.43
N LEU A 229 -12.72 17.92 -14.63
CA LEU A 229 -11.36 17.48 -14.80
C LEU A 229 -10.77 18.01 -16.11
N SER A 230 -11.58 17.99 -17.17
CA SER A 230 -11.14 18.45 -18.48
C SER A 230 -10.42 19.80 -18.41
N LEU A 231 -10.98 20.70 -17.60
CA LEU A 231 -10.45 22.05 -17.44
C LEU A 231 -8.98 22.00 -17.13
N LEU A 232 -8.68 21.11 -16.20
CA LEU A 232 -7.37 20.99 -15.59
C LEU A 232 -6.24 20.79 -16.60
N ASN A 233 -6.56 20.43 -17.84
CA ASN A 233 -5.54 20.36 -18.86
C ASN A 233 -5.11 21.76 -19.31
N HIS A 234 -5.91 22.73 -18.94
CA HIS A 234 -5.60 24.08 -19.28
C HIS A 234 -4.29 24.41 -18.64
N LYS A 235 -4.05 23.83 -17.48
CA LYS A 235 -2.86 24.08 -16.71
C LYS A 235 -1.67 23.23 -17.00
N LEU A 236 -1.81 22.18 -17.79
CA LEU A 236 -0.69 21.30 -18.13
C LEU A 236 -0.02 21.36 -19.51
N PRO A 237 1.25 20.91 -19.64
CA PRO A 237 2.10 20.37 -18.57
C PRO A 237 2.53 21.47 -17.63
N ALA A 238 3.21 21.11 -16.54
CA ALA A 238 3.64 22.02 -15.47
C ALA A 238 4.71 21.31 -14.65
N ARG A 239 5.13 21.90 -13.53
CA ARG A 239 6.07 21.21 -12.67
C ARG A 239 5.20 20.57 -11.58
N VAL A 240 4.83 19.32 -11.84
CA VAL A 240 3.91 18.54 -11.00
C VAL A 240 4.15 17.05 -11.31
N TRP A 241 3.99 16.17 -10.32
CA TRP A 241 4.24 14.76 -10.54
C TRP A 241 3.25 13.92 -9.71
N LEU A 242 3.16 12.62 -9.98
CA LEU A 242 2.37 11.73 -9.12
C LEU A 242 3.27 10.89 -8.20
N PRO A 243 3.33 11.29 -6.92
CA PRO A 243 4.26 10.65 -5.99
C PRO A 243 4.19 9.13 -6.08
N THR A 244 3.03 8.65 -6.52
CA THR A 244 2.82 7.23 -6.74
C THR A 244 3.88 6.63 -7.66
N ALA A 245 4.21 7.35 -8.73
CA ALA A 245 5.13 6.82 -9.74
C ALA A 245 6.52 6.55 -9.18
N GLY A 246 7.00 5.33 -9.39
CA GLY A 246 8.32 4.96 -8.91
C GLY A 246 9.43 5.52 -9.77
N PHE A 247 9.09 6.45 -10.67
CA PHE A 247 10.05 7.08 -11.57
C PHE A 247 9.80 8.58 -11.65
N ASP A 248 10.85 9.36 -11.87
CA ASP A 248 10.72 10.82 -12.01
C ASP A 248 9.96 11.19 -13.28
N HIS A 249 9.17 12.26 -13.24
CA HIS A 249 8.40 12.63 -14.43
C HIS A 249 7.76 14.02 -14.39
N HIS A 250 7.09 14.38 -15.48
CA HIS A 250 6.17 15.52 -15.50
C HIS A 250 4.82 15.01 -15.98
N VAL A 251 3.73 15.44 -15.34
CA VAL A 251 2.43 15.05 -15.85
C VAL A 251 2.14 15.96 -17.02
N VAL A 252 2.04 15.41 -18.23
CA VAL A 252 1.73 16.22 -19.40
C VAL A 252 0.25 16.29 -19.85
N ARG A 253 -0.58 15.31 -19.49
CA ARG A 253 -1.98 15.34 -19.93
C ARG A 253 -2.86 14.40 -19.10
N VAL A 254 -4.15 14.71 -18.99
CA VAL A 254 -5.10 13.85 -18.30
C VAL A 254 -6.23 13.44 -19.22
N PRO A 255 -6.26 12.16 -19.64
CA PRO A 255 -7.32 11.74 -20.56
C PRO A 255 -8.67 11.82 -19.89
N HIS A 256 -9.17 13.02 -19.67
CA HIS A 256 -10.35 13.22 -18.84
C HIS A 256 -11.51 12.26 -19.10
N THR A 257 -11.80 12.02 -20.37
CA THR A 257 -12.95 11.22 -20.79
C THR A 257 -13.04 9.81 -20.13
N GLN A 258 -11.87 9.27 -19.77
CA GLN A 258 -11.77 7.93 -19.18
C GLN A 258 -11.81 7.93 -17.64
N ALA A 259 -11.90 9.11 -17.02
CA ALA A 259 -12.07 9.16 -15.55
C ALA A 259 -13.40 8.51 -15.15
N VAL A 260 -13.47 8.00 -13.92
CA VAL A 260 -14.63 7.26 -13.45
C VAL A 260 -14.79 7.36 -11.96
N VAL A 261 -16.01 7.35 -11.49
CA VAL A 261 -16.25 7.34 -10.05
C VAL A 261 -16.68 5.95 -9.59
N LEU A 262 -16.06 5.47 -8.52
CA LEU A 262 -16.28 4.09 -8.06
C LEU A 262 -17.57 3.85 -7.25
N ASN A 263 -17.98 4.76 -6.36
CA ASN A 263 -19.26 4.59 -5.68
C ASN A 263 -20.15 5.83 -5.56
N SER A 264 -21.30 5.68 -4.90
CA SER A 264 -22.33 6.73 -4.80
C SER A 264 -22.32 7.55 -3.52
N LYS A 265 -21.35 7.27 -2.66
CA LYS A 265 -21.33 7.83 -1.31
C LYS A 265 -21.07 9.30 -1.50
N ASP A 266 -21.06 10.04 -0.40
CA ASP A 266 -20.74 11.46 -0.47
C ASP A 266 -19.24 11.61 -0.64
N LYS A 267 -18.50 10.82 0.11
CA LYS A 267 -17.04 10.83 0.13
C LYS A 267 -16.46 9.92 -0.96
N ALA A 268 -17.34 9.53 -1.89
CA ALA A 268 -17.02 8.61 -3.00
C ALA A 268 -15.73 8.93 -3.70
N PRO A 269 -14.87 7.92 -3.86
CA PRO A 269 -13.56 8.08 -4.50
C PRO A 269 -13.69 8.01 -6.02
N TYR A 270 -12.60 8.28 -6.73
CA TYR A 270 -12.65 8.21 -8.18
C TYR A 270 -11.30 7.87 -8.80
N LEU A 271 -11.35 7.05 -9.83
CA LEU A 271 -10.15 6.59 -10.50
C LEU A 271 -9.89 7.46 -11.73
N ILE A 272 -8.63 7.74 -12.03
CA ILE A 272 -8.30 8.57 -13.20
C ILE A 272 -6.99 8.22 -13.85
N TYR A 273 -6.95 8.29 -15.18
CA TYR A 273 -5.74 8.00 -15.90
C TYR A 273 -5.01 9.29 -16.20
N VAL A 274 -3.70 9.24 -16.02
CA VAL A 274 -2.88 10.42 -16.12
C VAL A 274 -1.63 10.12 -16.92
N GLU A 275 -1.46 10.87 -18.00
CA GLU A 275 -0.32 10.72 -18.88
C GLU A 275 0.85 11.51 -18.35
N VAL A 276 2.05 10.97 -18.52
CA VAL A 276 3.25 11.63 -18.04
C VAL A 276 4.44 11.32 -18.93
N LEU A 277 5.37 12.25 -18.97
CA LEU A 277 6.61 12.05 -19.69
C LEU A 277 7.74 11.90 -18.69
N GLU A 278 8.63 10.96 -18.97
CA GLU A 278 9.58 10.49 -17.96
C GLU A 278 10.90 11.23 -18.01
N CYS A 279 11.45 11.56 -16.84
CA CYS A 279 12.75 12.23 -16.79
C CYS A 279 13.86 11.29 -16.36
N GLU A 280 15.09 11.77 -16.47
CA GLU A 280 16.22 11.13 -15.83
C GLU A 280 16.30 11.58 -14.38
N ASN A 281 16.25 12.90 -14.20
CA ASN A 281 16.14 13.50 -12.87
C ASN A 281 15.17 14.68 -12.91
N PHE A 282 14.06 14.59 -12.18
CA PHE A 282 13.09 15.69 -12.16
C PHE A 282 13.74 17.01 -11.80
N ASP A 283 14.59 16.99 -10.76
CA ASP A 283 15.19 18.23 -10.26
C ASP A 283 15.97 19.00 -11.32
N THR A 284 16.82 18.29 -12.06
CA THR A 284 17.65 18.87 -13.14
C THR A 284 16.88 19.28 -14.42
N THR A 285 16.17 18.35 -15.04
CA THR A 285 15.56 18.58 -16.35
C THR A 285 14.26 19.33 -16.25
N SER A 286 14.06 20.31 -17.13
CA SER A 286 12.94 21.25 -16.98
C SER A 286 11.67 20.81 -17.69
N VAL A 287 10.60 21.58 -17.47
CA VAL A 287 9.25 21.23 -17.90
C VAL A 287 9.10 21.14 -19.40
N PRO A 288 8.35 20.13 -19.89
CA PRO A 288 8.16 19.90 -21.34
C PRO A 288 7.06 20.82 -21.83
N ALA A 289 6.76 20.83 -23.13
CA ALA A 289 5.82 21.80 -23.69
C ALA A 289 4.61 21.16 -24.38
N ARG A 290 3.59 21.98 -24.62
CA ARG A 290 2.32 21.52 -25.14
C ARG A 290 2.39 20.92 -26.54
N ILE A 291 1.38 20.13 -26.86
CA ILE A 291 0.92 19.91 -28.23
C ILE A 291 -0.61 19.86 -28.21
N PRO A 292 -1.28 21.03 -28.30
CA PRO A 292 -2.74 21.05 -28.06
C PRO A 292 -3.52 19.99 -28.88
N GLU A 293 -2.91 19.50 -29.97
CA GLU A 293 -3.51 18.50 -30.89
C GLU A 293 -4.79 17.80 -30.43
N TRP A 310 -8.80 -4.10 -20.74
CA TRP A 310 -7.59 -4.54 -20.08
C TRP A 310 -6.67 -3.35 -19.69
N GLN A 311 -5.35 -3.57 -19.75
CA GLN A 311 -4.34 -2.48 -19.63
C GLN A 311 -3.97 -1.93 -21.01
N GLU A 312 -4.72 -2.35 -22.01
CA GLU A 312 -4.58 -1.76 -23.31
C GLU A 312 -5.40 -0.49 -23.44
N LYS A 313 -6.07 -0.05 -22.37
CA LYS A 313 -6.64 1.29 -22.44
C LYS A 313 -5.49 2.19 -22.86
N VAL A 314 -4.30 1.81 -22.42
CA VAL A 314 -3.09 2.54 -22.74
C VAL A 314 -2.98 2.79 -24.24
N ARG A 315 -3.03 1.72 -25.02
CA ARG A 315 -2.95 1.83 -26.46
C ARG A 315 -3.90 2.90 -27.01
N ARG A 316 -5.17 2.82 -26.64
CA ARG A 316 -6.16 3.70 -27.23
C ARG A 316 -6.05 5.12 -26.68
N ILE A 317 -5.45 5.27 -25.51
CA ILE A 317 -5.26 6.61 -24.98
C ILE A 317 -4.15 7.27 -25.75
N ARG A 318 -3.09 6.50 -25.99
CA ARG A 318 -1.88 7.01 -26.62
C ARG A 318 -2.15 7.37 -28.07
N GLU A 319 -2.78 6.44 -28.78
CA GLU A 319 -3.20 6.69 -30.17
C GLU A 319 -4.11 7.90 -30.25
N GLY A 320 -4.90 8.12 -29.20
CA GLY A 320 -5.75 9.30 -29.13
C GLY A 320 -5.08 10.43 -28.38
N SER A 321 -3.75 10.43 -28.32
CA SER A 321 -3.09 11.45 -27.50
C SER A 321 -2.06 12.31 -28.23
N PRO A 322 -2.08 13.61 -27.92
CA PRO A 322 -1.14 14.54 -28.54
C PRO A 322 0.29 14.13 -28.21
N TYR A 323 0.57 13.86 -26.95
CA TYR A 323 1.92 13.47 -26.57
C TYR A 323 2.17 11.97 -26.75
N GLY A 324 1.11 11.22 -27.07
CA GLY A 324 1.19 9.77 -27.13
C GLY A 324 2.37 9.22 -27.92
N HIS A 325 2.64 9.84 -29.06
CA HIS A 325 3.67 9.37 -29.98
C HIS A 325 5.05 9.28 -29.34
N LEU A 326 5.19 9.83 -28.13
CA LEU A 326 6.49 9.93 -27.47
C LEU A 326 7.00 8.59 -26.98
N PRO A 327 8.34 8.48 -26.88
CA PRO A 327 9.03 7.31 -26.31
C PRO A 327 8.89 7.22 -24.79
N ASN A 328 8.94 8.37 -24.11
CA ASN A 328 8.83 8.38 -22.65
C ASN A 328 7.42 8.05 -22.27
N TRP A 329 6.48 8.56 -23.04
CA TRP A 329 5.15 8.73 -22.57
C TRP A 329 4.75 7.43 -21.91
N ARG A 330 4.32 7.53 -20.65
CA ARG A 330 3.86 6.38 -19.87
C ARG A 330 2.53 6.80 -19.25
N LEU A 331 1.64 5.85 -18.99
CA LEU A 331 0.32 6.16 -18.41
C LEU A 331 0.24 5.68 -16.97
N LEU A 332 -0.33 6.50 -16.10
CA LEU A 332 -0.50 6.10 -14.72
C LEU A 332 -1.96 6.18 -14.34
N SER A 333 -2.32 5.53 -13.25
CA SER A 333 -3.67 5.66 -12.75
C SER A 333 -3.56 5.94 -11.27
N VAL A 334 -4.56 6.62 -10.73
CA VAL A 334 -4.66 6.77 -9.29
C VAL A 334 -6.12 6.79 -8.86
N ILE A 335 -6.35 6.39 -7.63
CA ILE A 335 -7.67 6.49 -7.05
C ILE A 335 -7.52 7.62 -6.07
N VAL A 336 -8.38 8.60 -6.21
CA VAL A 336 -8.24 9.79 -5.42
C VAL A 336 -9.33 9.79 -4.38
N LYS A 337 -8.98 9.53 -3.13
CA LYS A 337 -10.00 9.39 -2.12
C LYS A 337 -10.01 10.63 -1.27
N CYS A 338 -10.98 11.51 -1.47
CA CYS A 338 -10.90 12.86 -0.89
C CYS A 338 -11.31 12.97 0.58
N GLY A 339 -12.18 12.08 1.04
CA GLY A 339 -12.60 12.09 2.43
C GLY A 339 -12.19 10.92 3.29
N ASP A 340 -11.39 10.01 2.75
CA ASP A 340 -11.03 8.79 3.48
C ASP A 340 -9.60 8.86 4.02
N ASP A 341 -9.44 8.74 5.33
CA ASP A 341 -8.12 8.74 5.97
C ASP A 341 -7.38 7.47 5.59
N LEU A 342 -6.19 7.61 5.00
CA LEU A 342 -5.39 6.45 4.59
C LEU A 342 -4.22 6.04 5.51
N ARG A 343 -4.00 6.76 6.59
CA ARG A 343 -2.83 6.52 7.43
C ARG A 343 -2.73 5.07 7.88
N GLN A 344 -3.87 4.45 8.13
CA GLN A 344 -3.87 3.08 8.59
C GLN A 344 -3.58 2.19 7.40
N GLU A 345 -4.32 2.41 6.33
CA GLU A 345 -4.10 1.69 5.09
C GLU A 345 -2.59 1.69 4.74
N LEU A 346 -1.95 2.85 4.92
CA LEU A 346 -0.51 2.99 4.71
C LEU A 346 0.31 2.06 5.61
N LEU A 347 -0.01 2.03 6.90
CA LEU A 347 0.69 1.15 7.82
C LEU A 347 0.57 -0.28 7.34
N ALA A 348 -0.63 -0.65 6.94
CA ALA A 348 -0.84 -1.93 6.29
C ALA A 348 0.15 -2.09 5.13
N PHE A 349 0.18 -1.09 4.25
CA PHE A 349 1.11 -1.10 3.14
C PHE A 349 2.55 -1.38 3.56
N GLN A 350 3.02 -0.66 4.56
CA GLN A 350 4.36 -0.88 5.08
C GLN A 350 4.60 -2.32 5.51
N VAL A 351 3.70 -2.89 6.31
CA VAL A 351 3.85 -4.29 6.74
C VAL A 351 3.77 -5.30 5.58
N LEU A 352 2.83 -5.11 4.66
CA LEU A 352 2.80 -5.98 3.50
C LEU A 352 4.16 -5.98 2.80
N LYS A 353 4.66 -4.80 2.45
CA LYS A 353 5.92 -4.65 1.75
C LYS A 353 7.04 -5.39 2.43
N GLN A 354 7.09 -5.29 3.76
CA GLN A 354 8.14 -5.91 4.54
C GLN A 354 8.09 -7.43 4.48
N LEU A 355 6.91 -8.00 4.72
CA LEU A 355 6.73 -9.43 4.64
C LEU A 355 7.08 -9.90 3.24
N GLN A 356 6.75 -9.10 2.22
CA GLN A 356 7.18 -9.38 0.86
C GLN A 356 8.68 -9.61 0.80
N SER A 357 9.45 -8.68 1.36
CA SER A 357 10.90 -8.83 1.40
C SER A 357 11.23 -10.13 2.07
N ILE A 358 10.78 -10.23 3.30
CA ILE A 358 11.16 -11.31 4.16
C ILE A 358 11.02 -12.63 3.42
N TRP A 359 9.85 -12.89 2.89
CA TRP A 359 9.63 -14.12 2.16
C TRP A 359 10.50 -14.25 0.91
N GLU A 360 10.79 -13.14 0.25
CA GLU A 360 11.69 -13.16 -0.88
C GLU A 360 13.05 -13.64 -0.37
N GLN A 361 13.43 -13.16 0.81
CA GLN A 361 14.76 -13.40 1.35
C GLN A 361 14.92 -14.87 1.71
N GLU A 362 13.92 -15.40 2.41
CA GLU A 362 13.95 -16.78 2.89
C GLU A 362 13.52 -17.74 1.78
N ARG A 363 13.36 -17.20 0.56
CA ARG A 363 12.98 -18.00 -0.59
C ARG A 363 11.70 -18.75 -0.28
N VAL A 364 10.65 -18.00 0.06
CA VAL A 364 9.32 -18.59 0.24
C VAL A 364 8.31 -18.10 -0.79
N PRO A 365 7.77 -19.01 -1.60
CA PRO A 365 6.96 -18.71 -2.78
C PRO A 365 5.75 -17.82 -2.54
N LEU A 366 5.37 -17.55 -1.29
CA LEU A 366 4.10 -16.88 -1.00
C LEU A 366 3.97 -15.63 -1.86
N TRP A 367 2.73 -15.25 -2.20
CA TRP A 367 2.52 -14.13 -3.12
C TRP A 367 1.50 -13.10 -2.65
N ILE A 368 1.95 -11.86 -2.44
CA ILE A 368 1.09 -10.72 -2.09
C ILE A 368 1.52 -9.49 -2.88
N LYS A 369 0.58 -8.57 -3.18
CA LYS A 369 0.90 -7.35 -3.91
C LYS A 369 0.58 -6.09 -3.11
N PRO A 370 1.55 -5.58 -2.34
CA PRO A 370 1.39 -4.29 -1.69
C PRO A 370 1.15 -3.28 -2.78
N TYR A 371 0.16 -2.40 -2.64
CA TYR A 371 -0.05 -1.35 -3.63
C TYR A 371 0.19 -0.01 -2.96
N LYS A 372 0.74 0.95 -3.70
CA LYS A 372 1.22 2.18 -3.08
C LYS A 372 0.11 3.01 -2.49
N ILE A 373 0.46 3.79 -1.48
CA ILE A 373 -0.48 4.60 -0.73
C ILE A 373 0.11 5.97 -0.45
N LEU A 374 -0.65 7.00 -0.75
CA LEU A 374 -0.15 8.34 -0.54
C LEU A 374 -1.02 9.06 0.47
N VAL A 375 -0.49 9.35 1.66
CA VAL A 375 -1.32 10.05 2.62
C VAL A 375 -1.15 11.52 2.33
N ILE A 376 -2.21 12.13 1.83
CA ILE A 376 -2.21 13.55 1.53
C ILE A 376 -2.79 14.37 2.66
N SER A 377 -3.43 13.68 3.60
CA SER A 377 -4.07 14.35 4.72
C SER A 377 -4.52 13.35 5.75
N ALA A 378 -5.10 13.85 6.84
CA ALA A 378 -5.72 12.96 7.82
C ALA A 378 -7.11 12.52 7.37
N ASP A 379 -7.80 13.34 6.59
CA ASP A 379 -8.92 12.82 5.85
C ASP A 379 -8.63 12.54 4.37
N SER A 380 -7.43 12.80 3.89
CA SER A 380 -7.14 12.66 2.44
C SER A 380 -6.11 11.57 2.06
N GLY A 381 -6.10 11.17 0.79
CA GLY A 381 -5.22 10.11 0.31
C GLY A 381 -5.28 9.86 -1.20
N MET A 382 -4.38 9.02 -1.65
CA MET A 382 -4.33 8.58 -3.04
C MET A 382 -3.81 7.16 -3.05
N ILE A 383 -4.34 6.31 -3.92
CA ILE A 383 -3.97 4.90 -3.91
C ILE A 383 -3.60 4.41 -5.29
N GLU A 384 -2.43 3.80 -5.46
CA GLU A 384 -2.10 3.27 -6.77
C GLU A 384 -2.93 2.03 -7.00
N PRO A 385 -3.82 2.07 -7.99
CA PRO A 385 -4.80 0.97 -8.06
C PRO A 385 -4.20 -0.29 -8.64
N VAL A 386 -4.73 -1.43 -8.22
CA VAL A 386 -4.37 -2.71 -8.80
C VAL A 386 -5.06 -2.79 -10.16
N VAL A 387 -4.37 -3.33 -11.15
CA VAL A 387 -4.95 -3.36 -12.48
C VAL A 387 -5.24 -4.78 -12.90
N ASN A 388 -6.22 -4.93 -13.81
CA ASN A 388 -6.47 -6.22 -14.45
C ASN A 388 -7.01 -7.28 -13.53
N ALA A 389 -7.20 -6.92 -12.26
CA ALA A 389 -7.80 -7.82 -11.28
C ALA A 389 -9.27 -7.46 -11.08
N VAL A 390 -10.07 -8.46 -10.74
CA VAL A 390 -11.50 -8.27 -10.52
C VAL A 390 -11.98 -8.87 -9.18
N SER A 391 -13.21 -8.57 -8.79
CA SER A 391 -13.60 -8.59 -7.40
C SER A 391 -14.17 -9.86 -6.77
N ILE A 392 -14.38 -10.92 -7.52
CA ILE A 392 -14.88 -12.17 -6.92
C ILE A 392 -16.35 -12.14 -6.59
N HIS A 393 -16.86 -10.98 -6.25
CA HIS A 393 -18.28 -10.82 -6.08
C HIS A 393 -18.75 -10.55 -7.48
N GLN A 394 -17.97 -9.72 -8.16
CA GLN A 394 -18.20 -9.40 -9.55
C GLN A 394 -18.12 -10.68 -10.35
N VAL A 395 -17.15 -11.52 -10.03
CA VAL A 395 -17.02 -12.74 -10.81
C VAL A 395 -18.23 -13.61 -10.62
N LYS A 396 -18.74 -13.69 -9.40
CA LYS A 396 -19.93 -14.51 -9.15
C LYS A 396 -21.15 -14.01 -9.94
N LYS A 397 -21.39 -12.70 -9.90
CA LYS A 397 -22.46 -12.05 -10.66
C LYS A 397 -22.24 -12.16 -12.16
N GLN A 398 -21.10 -11.63 -12.63
CA GLN A 398 -20.84 -11.60 -14.05
C GLN A 398 -20.92 -13.01 -14.64
N SER A 399 -20.15 -13.93 -14.09
CA SER A 399 -20.04 -15.29 -14.64
C SER A 399 -21.21 -16.18 -14.26
N GLN A 400 -21.75 -15.98 -13.06
CA GLN A 400 -22.80 -16.85 -12.59
C GLN A 400 -22.20 -18.26 -12.44
N LEU A 401 -20.93 -18.33 -12.05
CA LEU A 401 -20.25 -19.60 -11.87
C LEU A 401 -19.58 -19.78 -10.51
N SER A 402 -19.31 -21.03 -10.15
CA SER A 402 -18.42 -21.30 -9.03
C SER A 402 -17.05 -20.75 -9.37
N LEU A 403 -16.33 -20.32 -8.34
CA LEU A 403 -15.00 -19.81 -8.55
C LEU A 403 -14.21 -20.84 -9.35
N LEU A 404 -14.26 -22.08 -8.89
CA LEU A 404 -13.57 -23.16 -9.60
C LEU A 404 -13.97 -23.19 -11.07
N ASP A 405 -15.26 -23.07 -11.35
CA ASP A 405 -15.72 -23.08 -12.72
C ASP A 405 -15.18 -21.87 -13.46
N TYR A 406 -15.09 -20.75 -12.76
CA TYR A 406 -14.55 -19.58 -13.39
C TYR A 406 -13.17 -19.87 -13.92
N PHE A 407 -12.33 -20.49 -13.09
CA PHE A 407 -10.99 -20.90 -13.52
C PHE A 407 -11.08 -21.83 -14.69
N LEU A 408 -11.80 -22.93 -14.50
CA LEU A 408 -11.93 -23.91 -15.57
C LEU A 408 -12.40 -23.20 -16.82
N GLN A 409 -13.16 -22.13 -16.66
CA GLN A 409 -13.54 -21.32 -17.82
C GLN A 409 -12.38 -20.47 -18.31
N GLU A 410 -11.92 -19.56 -17.46
CA GLU A 410 -10.98 -18.54 -17.85
C GLU A 410 -9.56 -18.99 -18.18
N HIS A 411 -8.97 -19.84 -17.32
CA HIS A 411 -7.67 -20.42 -17.62
C HIS A 411 -7.86 -21.86 -17.91
N GLY A 412 -7.67 -22.28 -19.14
CA GLY A 412 -7.60 -23.70 -19.39
C GLY A 412 -8.62 -24.65 -18.76
N SER A 413 -8.17 -25.87 -18.45
CA SER A 413 -8.99 -27.02 -18.10
C SER A 413 -8.13 -27.86 -17.20
N TYR A 414 -8.69 -28.85 -16.54
CA TYR A 414 -8.01 -29.44 -15.38
C TYR A 414 -6.50 -29.67 -15.59
N THR A 415 -6.13 -30.18 -16.76
CA THR A 415 -4.73 -30.45 -17.08
C THR A 415 -3.98 -29.39 -17.89
N THR A 416 -4.63 -28.28 -18.25
CA THR A 416 -3.94 -27.22 -18.97
C THR A 416 -2.92 -26.52 -18.09
N GLU A 417 -1.88 -25.95 -18.70
CA GLU A 417 -0.87 -25.23 -17.94
C GLU A 417 -1.48 -23.92 -17.51
N ALA A 418 -2.42 -23.45 -18.31
CA ALA A 418 -3.17 -22.25 -17.96
C ALA A 418 -3.78 -22.51 -16.62
N PHE A 419 -4.60 -23.55 -16.54
CA PHE A 419 -5.23 -23.86 -15.27
C PHE A 419 -4.19 -24.16 -14.18
N LEU A 420 -3.35 -25.16 -14.40
CA LEU A 420 -2.43 -25.56 -13.35
C LEU A 420 -1.70 -24.38 -12.81
N SER A 421 -1.33 -23.47 -13.71
CA SER A 421 -0.52 -22.35 -13.32
C SER A 421 -1.34 -21.28 -12.61
N ALA A 422 -2.51 -21.00 -13.14
CA ALA A 422 -3.41 -20.10 -12.46
C ALA A 422 -3.57 -20.56 -11.01
N GLN A 423 -4.02 -21.80 -10.81
CA GLN A 423 -4.37 -22.28 -9.49
C GLN A 423 -3.21 -22.31 -8.50
N ARG A 424 -1.99 -22.38 -9.01
CA ARG A 424 -0.81 -22.37 -8.16
C ARG A 424 -0.72 -20.96 -7.59
N ASN A 425 -0.80 -19.99 -8.49
CA ASN A 425 -0.88 -18.59 -8.10
C ASN A 425 -2.01 -18.30 -7.14
N PHE A 426 -3.08 -19.06 -7.25
CA PHE A 426 -4.19 -18.87 -6.35
C PHE A 426 -3.78 -19.33 -4.95
N VAL A 427 -3.18 -20.51 -4.88
CA VAL A 427 -2.77 -21.11 -3.61
C VAL A 427 -1.71 -20.29 -2.87
N GLN A 428 -0.72 -19.82 -3.61
CA GLN A 428 0.41 -19.12 -3.01
C GLN A 428 -0.05 -17.79 -2.54
N SER A 429 -0.89 -17.18 -3.37
CA SER A 429 -1.44 -15.86 -3.12
C SER A 429 -2.39 -15.94 -1.93
N CYS A 430 -3.22 -16.98 -1.95
CA CYS A 430 -4.17 -17.26 -0.88
C CYS A 430 -3.47 -17.47 0.47
N ALA A 431 -2.38 -18.23 0.43
CA ALA A 431 -1.59 -18.55 1.61
C ALA A 431 -0.95 -17.30 2.19
N GLY A 432 -0.25 -16.59 1.34
CA GLY A 432 0.29 -15.32 1.74
C GLY A 432 -0.74 -14.39 2.37
N TYR A 433 -1.89 -14.22 1.73
CA TYR A 433 -2.84 -13.27 2.30
C TYR A 433 -3.46 -13.78 3.59
N CYS A 434 -3.44 -15.10 3.78
CA CYS A 434 -3.93 -15.65 5.03
C CYS A 434 -2.90 -15.32 6.08
N LEU A 435 -1.62 -15.50 5.80
CA LEU A 435 -0.60 -15.09 6.78
C LEU A 435 -0.65 -13.58 7.09
N VAL A 436 -0.69 -12.76 6.06
CA VAL A 436 -0.73 -11.33 6.26
C VAL A 436 -1.91 -10.98 7.16
N CYS A 437 -3.12 -11.32 6.72
CA CYS A 437 -4.29 -11.07 7.55
C CYS A 437 -4.10 -11.54 8.99
N TYR A 438 -3.60 -12.76 9.18
CA TYR A 438 -3.47 -13.33 10.53
C TYR A 438 -2.66 -12.46 11.47
N LEU A 439 -1.38 -12.33 11.14
CA LEU A 439 -0.46 -11.46 11.86
C LEU A 439 -0.99 -10.05 12.07
N LEU A 440 -1.53 -9.46 11.02
CA LEU A 440 -1.95 -8.07 11.10
C LEU A 440 -3.35 -7.94 11.68
N GLN A 441 -4.00 -9.07 11.89
CA GLN A 441 -5.30 -9.06 12.53
C GLN A 441 -6.29 -8.30 11.66
N VAL A 442 -6.17 -8.46 10.34
CA VAL A 442 -7.04 -7.76 9.40
C VAL A 442 -8.52 -8.14 9.61
N LYS A 443 -9.42 -7.20 9.33
CA LYS A 443 -10.84 -7.45 9.49
C LYS A 443 -11.63 -6.84 8.35
N ASP A 444 -12.95 -6.98 8.42
CA ASP A 444 -13.85 -6.46 7.40
C ASP A 444 -13.55 -7.11 6.06
N ARG A 445 -13.12 -8.36 6.07
CA ARG A 445 -12.92 -9.07 4.83
C ARG A 445 -14.27 -9.51 4.26
N HIS A 446 -14.38 -9.44 2.94
CA HIS A 446 -15.58 -9.88 2.23
C HIS A 446 -15.26 -9.86 0.73
N ASN A 447 -16.24 -10.23 -0.09
CA ASN A 447 -15.98 -10.36 -1.52
C ASN A 447 -15.73 -9.05 -2.26
N GLY A 448 -16.02 -7.92 -1.64
CA GLY A 448 -15.67 -6.66 -2.26
C GLY A 448 -14.24 -6.28 -1.95
N ASN A 449 -13.67 -6.92 -0.91
CA ASN A 449 -12.29 -6.71 -0.47
C ASN A 449 -11.19 -7.50 -1.16
N ILE A 450 -11.57 -8.62 -1.76
CA ILE A 450 -10.61 -9.55 -2.33
C ILE A 450 -10.81 -9.66 -3.81
N LEU A 451 -9.76 -9.37 -4.58
CA LEU A 451 -9.81 -9.37 -6.03
C LEU A 451 -9.31 -10.67 -6.59
N LEU A 452 -9.39 -10.82 -7.91
CA LEU A 452 -8.74 -11.92 -8.62
C LEU A 452 -8.06 -11.36 -9.87
N ASP A 453 -6.73 -11.42 -9.93
CA ASP A 453 -5.99 -10.88 -11.06
C ASP A 453 -6.06 -11.83 -12.25
N ALA A 454 -5.86 -11.29 -13.44
CA ALA A 454 -6.04 -12.05 -14.67
C ALA A 454 -5.20 -13.32 -14.72
N GLU A 455 -4.21 -13.40 -13.85
CA GLU A 455 -3.35 -14.56 -13.75
C GLU A 455 -3.76 -15.49 -12.62
N GLY A 456 -4.79 -15.11 -11.88
CA GLY A 456 -5.36 -15.98 -10.87
C GLY A 456 -4.82 -15.97 -9.45
N HIS A 457 -4.12 -14.91 -9.03
CA HIS A 457 -3.88 -14.73 -7.61
C HIS A 457 -5.12 -14.07 -7.04
N ILE A 458 -5.15 -13.88 -5.73
CA ILE A 458 -6.14 -13.00 -5.14
C ILE A 458 -5.40 -11.83 -4.53
N ILE A 459 -6.07 -10.69 -4.40
CA ILE A 459 -5.41 -9.51 -3.86
C ILE A 459 -6.30 -8.79 -2.87
N HIS A 460 -5.84 -8.61 -1.63
CA HIS A 460 -6.65 -7.91 -0.63
C HIS A 460 -6.42 -6.42 -0.66
N ILE A 461 -7.52 -5.68 -0.58
CA ILE A 461 -7.54 -4.22 -0.70
C ILE A 461 -8.37 -3.67 0.44
N ASP A 462 -8.33 -2.36 0.67
CA ASP A 462 -9.10 -1.79 1.75
C ASP A 462 -8.72 -2.35 3.10
N PHE A 463 -7.52 -1.98 3.55
CA PHE A 463 -6.97 -2.46 4.78
C PHE A 463 -7.42 -1.61 5.99
N GLY A 464 -8.48 -0.85 5.78
CA GLY A 464 -9.03 -0.02 6.82
C GLY A 464 -9.19 -0.62 8.21
N PHE A 465 -9.57 -1.89 8.38
CA PHE A 465 -9.64 -2.37 9.77
C PHE A 465 -8.59 -3.40 10.12
N ILE A 466 -7.64 -2.99 10.94
CA ILE A 466 -6.51 -3.84 11.24
C ILE A 466 -6.14 -3.77 12.72
N LEU A 467 -5.38 -4.76 13.17
CA LEU A 467 -4.87 -4.76 14.53
C LEU A 467 -6.03 -4.62 15.54
N SER A 468 -6.04 -3.57 16.36
CA SER A 468 -7.12 -3.40 17.35
C SER A 468 -8.42 -2.83 16.83
N SER A 469 -8.45 -2.32 15.59
CA SER A 469 -9.66 -1.66 15.08
C SER A 469 -10.63 -2.66 14.51
N SER A 470 -11.86 -2.63 15.01
CA SER A 470 -12.85 -3.61 14.61
C SER A 470 -14.06 -2.87 14.08
N PRO A 471 -14.71 -3.38 13.02
CA PRO A 471 -15.86 -2.64 12.52
C PRO A 471 -17.04 -2.85 13.47
N ARG A 472 -17.94 -1.87 13.49
CA ARG A 472 -19.04 -1.80 14.46
C ARG A 472 -20.26 -2.65 14.17
N ASN A 473 -21.30 -2.48 14.96
CA ASN A 473 -22.58 -2.98 14.63
C ASN A 473 -22.09 -4.35 14.42
N LEU A 474 -22.56 -5.15 13.47
CA LEU A 474 -21.88 -6.38 13.16
C LEU A 474 -21.68 -7.20 14.41
N GLY A 475 -22.70 -7.20 15.22
CA GLY A 475 -22.59 -7.80 16.53
C GLY A 475 -22.34 -9.26 16.43
N PHE A 476 -23.03 -9.89 15.50
CA PHE A 476 -23.01 -11.33 15.45
C PHE A 476 -21.72 -12.06 15.08
N GLU A 477 -21.02 -11.65 14.03
CA GLU A 477 -19.88 -12.43 13.56
C GLU A 477 -18.68 -11.65 13.10
N THR A 478 -17.49 -12.20 13.31
CA THR A 478 -16.23 -11.50 13.08
C THR A 478 -16.03 -11.34 11.61
N SER A 479 -15.34 -10.29 11.13
CA SER A 479 -15.32 -10.08 9.75
C SER A 479 -13.94 -10.35 9.42
N ALA A 480 -13.69 -11.47 8.84
CA ALA A 480 -12.30 -11.90 8.76
C ALA A 480 -12.03 -12.81 7.57
N PHE A 481 -10.75 -13.00 7.23
CA PHE A 481 -10.42 -13.89 6.14
C PHE A 481 -11.02 -15.21 6.53
N LYS A 482 -11.89 -15.72 5.67
CA LYS A 482 -12.41 -17.05 5.86
C LYS A 482 -12.03 -17.85 4.63
N LEU A 483 -11.77 -19.12 4.82
CA LEU A 483 -11.48 -19.99 3.70
C LEU A 483 -12.82 -20.60 3.38
N THR A 484 -13.42 -20.19 2.27
CA THR A 484 -14.76 -20.66 1.94
C THR A 484 -14.68 -22.02 1.31
N THR A 485 -15.73 -22.82 1.44
CA THR A 485 -15.71 -24.14 0.84
C THR A 485 -15.63 -24.02 -0.68
N GLU A 486 -16.00 -22.86 -1.20
CA GLU A 486 -15.85 -22.59 -2.62
C GLU A 486 -14.38 -22.51 -3.02
N PHE A 487 -13.56 -21.91 -2.15
CA PHE A 487 -12.11 -21.85 -2.33
C PHE A 487 -11.53 -23.25 -2.38
N VAL A 488 -11.80 -24.00 -1.31
CA VAL A 488 -11.16 -25.28 -1.11
C VAL A 488 -11.28 -26.11 -2.36
N ASP A 489 -12.39 -25.94 -3.06
CA ASP A 489 -12.55 -26.59 -4.34
C ASP A 489 -11.40 -26.15 -5.29
N VAL A 490 -11.26 -24.86 -5.53
CA VAL A 490 -10.28 -24.41 -6.51
C VAL A 490 -8.90 -25.02 -6.28
N MET A 491 -8.61 -25.34 -5.02
CA MET A 491 -7.30 -25.85 -4.60
C MET A 491 -7.09 -27.34 -4.80
N GLY A 492 -8.16 -28.11 -4.83
CA GLY A 492 -8.04 -29.51 -4.50
C GLY A 492 -9.34 -29.74 -3.77
N GLY A 493 -9.26 -30.51 -2.69
CA GLY A 493 -10.34 -30.64 -1.72
C GLY A 493 -9.59 -30.67 -0.41
N LEU A 494 -10.29 -30.75 0.72
CA LEU A 494 -9.61 -30.74 2.03
C LEU A 494 -8.39 -31.64 1.95
N ASP A 495 -8.60 -32.81 1.37
CA ASP A 495 -7.51 -33.72 1.05
C ASP A 495 -7.28 -33.54 -0.43
N GLY A 496 -6.24 -32.82 -0.80
CA GLY A 496 -6.10 -32.43 -2.19
C GLY A 496 -4.65 -32.20 -2.47
N ASP A 497 -4.27 -32.43 -3.72
CA ASP A 497 -2.87 -32.53 -3.98
C ASP A 497 -2.22 -31.25 -3.44
N MET A 498 -2.86 -30.13 -3.72
CA MET A 498 -2.28 -28.85 -3.36
C MET A 498 -2.72 -28.23 -2.06
N PHE A 499 -3.75 -28.77 -1.43
CA PHE A 499 -4.21 -28.18 -0.20
C PHE A 499 -3.11 -28.33 0.86
N ASN A 500 -2.40 -29.45 0.81
CA ASN A 500 -1.26 -29.66 1.69
C ASN A 500 -0.13 -28.71 1.40
N TYR A 501 -0.03 -28.28 0.14
CA TYR A 501 0.90 -27.25 -0.26
C TYR A 501 0.51 -25.95 0.42
N TYR A 502 -0.78 -25.62 0.35
CA TYR A 502 -1.30 -24.40 0.95
C TYR A 502 -0.80 -24.30 2.38
N LYS A 503 -1.09 -25.35 3.15
CA LYS A 503 -0.77 -25.40 4.56
C LYS A 503 0.73 -25.20 4.88
N MET A 504 1.58 -26.07 4.32
CA MET A 504 3.03 -25.94 4.44
C MET A 504 3.49 -24.53 4.09
N LEU A 505 3.01 -24.01 2.97
CA LEU A 505 3.38 -22.67 2.59
C LEU A 505 3.15 -21.74 3.77
N MET A 506 1.92 -21.75 4.29
CA MET A 506 1.62 -20.93 5.45
C MET A 506 2.65 -21.15 6.54
N LEU A 507 2.97 -22.41 6.80
CA LEU A 507 3.95 -22.75 7.81
C LEU A 507 5.34 -22.15 7.51
N GLN A 508 5.86 -22.40 6.33
CA GLN A 508 7.16 -21.82 6.00
C GLN A 508 7.22 -20.32 6.15
N GLY A 509 6.16 -19.65 5.71
CA GLY A 509 6.07 -18.22 5.90
C GLY A 509 6.08 -17.90 7.38
N LEU A 510 5.22 -18.59 8.12
CA LEU A 510 5.04 -18.31 9.53
C LEU A 510 6.35 -18.41 10.27
N ILE A 511 7.18 -19.36 9.85
CA ILE A 511 8.53 -19.50 10.35
C ILE A 511 9.38 -18.28 10.02
N ALA A 512 9.57 -18.01 8.73
CA ALA A 512 10.44 -16.90 8.32
C ALA A 512 9.95 -15.60 8.97
N ALA A 513 8.65 -15.47 9.13
CA ALA A 513 8.16 -14.29 9.78
C ALA A 513 8.81 -14.26 11.14
N ARG A 514 8.77 -15.37 11.86
CA ARG A 514 9.33 -15.39 13.20
C ARG A 514 10.79 -14.94 13.19
N LYS A 515 11.50 -15.31 12.13
CA LYS A 515 12.92 -15.01 12.05
C LYS A 515 13.12 -13.51 12.08
N HIS A 516 12.38 -12.83 11.23
CA HIS A 516 12.42 -11.38 11.06
C HIS A 516 11.42 -10.59 11.87
N MET A 517 10.82 -11.20 12.86
CA MET A 517 9.79 -10.55 13.62
C MET A 517 10.11 -9.09 13.93
N ASP A 518 11.30 -8.83 14.47
CA ASP A 518 11.67 -7.47 14.90
C ASP A 518 11.36 -6.37 13.87
N LYS A 519 11.79 -6.58 12.63
CA LYS A 519 11.53 -5.62 11.55
C LYS A 519 10.05 -5.28 11.51
N VAL A 520 9.20 -6.31 11.60
CA VAL A 520 7.77 -6.14 11.34
C VAL A 520 7.10 -5.34 12.44
N VAL A 521 7.32 -5.75 13.68
CA VAL A 521 6.75 -5.09 14.84
C VAL A 521 7.26 -3.65 15.00
N GLN A 522 8.49 -3.44 14.57
CA GLN A 522 9.09 -2.12 14.62
C GLN A 522 8.30 -1.07 13.86
N ILE A 523 7.70 -1.46 12.76
CA ILE A 523 6.98 -0.49 11.94
C ILE A 523 5.75 -0.05 12.68
N VAL A 524 5.00 -1.02 13.18
CA VAL A 524 3.77 -0.68 13.86
C VAL A 524 4.11 0.03 15.14
N GLU A 525 5.07 -0.48 15.91
CA GLU A 525 5.33 0.10 17.24
C GLU A 525 5.60 1.61 17.18
N ILE A 526 6.61 1.98 16.42
CA ILE A 526 6.89 3.39 16.18
C ILE A 526 5.64 4.16 15.75
N MET A 527 4.88 3.65 14.82
CA MET A 527 3.76 4.43 14.33
C MET A 527 2.64 4.66 15.35
N GLN A 528 2.73 4.03 16.52
CA GLN A 528 1.66 4.15 17.52
C GLN A 528 1.68 5.49 18.25
N GLN A 529 2.88 6.01 18.47
CA GLN A 529 3.09 7.23 19.22
C GLN A 529 2.14 8.29 18.71
N GLY A 530 1.42 8.93 19.62
CA GLY A 530 0.60 10.07 19.28
C GLY A 530 -0.47 9.87 18.20
N SER A 531 -0.80 8.63 17.89
CA SER A 531 -1.85 8.36 16.92
C SER A 531 -3.20 8.33 17.63
N GLN A 532 -4.22 8.82 16.94
CA GLN A 532 -5.60 8.75 17.41
C GLN A 532 -6.31 7.56 16.78
N LEU A 533 -5.62 6.84 15.89
CA LEU A 533 -6.27 5.73 15.16
C LEU A 533 -6.84 4.65 16.06
N PRO A 534 -7.88 3.96 15.58
CA PRO A 534 -8.55 2.87 16.29
C PRO A 534 -7.70 1.62 16.41
N CYS A 535 -6.80 1.41 15.46
CA CYS A 535 -5.99 0.19 15.45
C CYS A 535 -5.06 0.11 16.66
N PHE A 536 -4.86 1.24 17.34
CA PHE A 536 -3.98 1.29 18.51
C PHE A 536 -4.78 1.28 19.78
N HIS A 537 -4.59 0.28 20.62
CA HIS A 537 -5.27 0.29 21.88
C HIS A 537 -4.22 0.02 22.94
N GLY A 538 -3.72 1.06 23.58
CA GLY A 538 -2.69 0.88 24.58
C GLY A 538 -1.50 0.00 24.21
N SER A 539 -1.10 -0.85 25.15
CA SER A 539 -0.02 -1.80 24.92
C SER A 539 -0.52 -3.19 24.57
N SER A 540 -1.83 -3.39 24.49
CA SER A 540 -2.40 -4.62 23.94
C SER A 540 -1.81 -4.81 22.57
N THR A 541 -1.95 -3.73 21.77
CA THR A 541 -1.74 -3.77 20.34
C THR A 541 -0.43 -4.43 19.96
N ILE A 542 0.66 -3.96 20.55
CA ILE A 542 1.95 -4.62 20.36
C ILE A 542 2.04 -5.97 21.05
N ARG A 543 1.62 -6.07 22.30
CA ARG A 543 1.70 -7.35 22.99
C ARG A 543 1.07 -8.46 22.15
N ASN A 544 -0.13 -8.24 21.65
CA ASN A 544 -0.77 -9.31 20.91
C ASN A 544 -0.18 -9.50 19.54
N LEU A 545 0.47 -8.49 18.99
CA LEU A 545 1.18 -8.72 17.76
C LEU A 545 2.21 -9.80 18.01
N LYS A 546 3.12 -9.54 18.96
CA LYS A 546 4.21 -10.46 19.27
C LYS A 546 3.66 -11.87 19.58
N GLU A 547 2.69 -11.96 20.49
CA GLU A 547 2.17 -13.27 20.85
C GLU A 547 1.68 -13.96 19.58
N ARG A 548 1.28 -13.16 18.60
CA ARG A 548 0.76 -13.67 17.34
C ARG A 548 1.85 -14.36 16.50
N PHE A 549 3.09 -14.03 16.82
CA PHE A 549 4.28 -14.61 16.19
C PHE A 549 4.74 -15.89 16.87
N HIS A 550 4.25 -16.12 18.09
CA HIS A 550 4.60 -17.35 18.78
C HIS A 550 6.10 -17.61 18.75
N MET A 551 6.91 -16.68 19.23
CA MET A 551 8.36 -16.86 19.16
C MET A 551 8.83 -18.15 19.85
N SER A 552 8.15 -18.50 20.94
CA SER A 552 8.57 -19.56 21.86
C SER A 552 8.21 -20.97 21.41
N MET A 553 7.59 -21.06 20.24
CA MET A 553 6.92 -22.27 19.75
C MET A 553 7.84 -23.09 18.85
N THR A 554 7.75 -24.40 18.95
CA THR A 554 8.54 -25.32 18.14
C THR A 554 7.80 -25.68 16.86
N GLU A 555 8.54 -25.77 15.76
CA GLU A 555 7.95 -25.91 14.42
C GLU A 555 6.89 -27.01 14.40
N GLU A 556 7.02 -27.99 15.28
CA GLU A 556 5.95 -28.96 15.40
C GLU A 556 4.67 -28.23 15.80
N GLN A 557 4.72 -27.54 16.95
CA GLN A 557 3.55 -26.87 17.46
C GLN A 557 3.02 -25.84 16.46
N LEU A 558 3.93 -25.27 15.67
CA LEU A 558 3.57 -24.34 14.60
C LEU A 558 2.77 -25.03 13.47
N GLN A 559 3.29 -26.17 13.02
CA GLN A 559 2.59 -27.00 12.06
C GLN A 559 1.19 -27.28 12.56
N LEU A 560 1.08 -27.44 13.87
CA LEU A 560 -0.19 -27.72 14.51
C LEU A 560 -1.05 -26.47 14.53
N LEU A 561 -0.44 -25.39 15.00
CA LEU A 561 -1.10 -24.09 15.08
C LEU A 561 -1.73 -23.78 13.73
N VAL A 562 -0.98 -24.03 12.67
CA VAL A 562 -1.50 -23.87 11.33
C VAL A 562 -2.73 -24.75 11.09
N GLU A 563 -2.65 -26.00 11.52
CA GLU A 563 -3.73 -26.97 11.32
C GLU A 563 -4.97 -26.42 11.98
N GLN A 564 -4.77 -25.87 13.16
CA GLN A 564 -5.85 -25.27 13.91
C GLN A 564 -6.35 -24.03 13.21
N MET A 565 -5.43 -23.26 12.65
CA MET A 565 -5.78 -22.04 11.95
C MET A 565 -6.76 -22.31 10.81
N VAL A 566 -6.35 -23.24 9.95
CA VAL A 566 -7.11 -23.60 8.75
C VAL A 566 -8.48 -24.15 9.12
N ASP A 567 -8.50 -25.24 9.90
CA ASP A 567 -9.75 -25.79 10.39
C ASP A 567 -10.60 -24.70 11.00
N GLY A 568 -9.98 -23.84 11.81
CA GLY A 568 -10.67 -22.74 12.44
C GLY A 568 -11.21 -21.75 11.43
N SER A 569 -10.58 -21.71 10.27
CA SER A 569 -10.97 -20.74 9.26
C SER A 569 -12.31 -21.13 8.66
N MET A 570 -12.36 -22.25 7.96
CA MET A 570 -13.62 -22.83 7.49
C MET A 570 -14.52 -23.12 8.70
N ARG A 571 -15.71 -22.56 8.72
CA ARG A 571 -16.57 -22.67 9.90
C ARG A 571 -18.04 -22.97 9.54
N9 ATP B . -10.68 -0.80 -7.16
C8 ATP B . -11.34 -0.31 -6.11
N7 ATP B . -10.49 -0.07 -5.11
C5 ATP B . -9.28 -0.40 -5.50
C6 ATP B . -8.03 -0.36 -4.86
N6 ATP B . -7.92 0.09 -3.53
N1 ATP B . -6.96 -0.78 -5.54
C2 ATP B . -7.10 -1.22 -6.79
N3 ATP B . -8.25 -1.27 -7.42
C4 ATP B . -9.37 -0.88 -6.82
H8 ATP B . -12.28 -0.15 -6.07
HN61 ATP B . -8.63 0.45 -3.11
HN62 ATP B . -7.13 0.01 -3.09
H2 ATP B . -6.30 -1.52 -7.26
#